data_7O6W
#
_entry.id   7O6W
#
_cell.length_a   79.259
_cell.length_b   79.259
_cell.length_c   59.957
_cell.angle_alpha   90.00
_cell.angle_beta   90.00
_cell.angle_gamma   120.00
#
_symmetry.space_group_name_H-M   'P 63'
#
loop_
_entity.id
_entity.type
_entity.pdbx_description
1 polymer 'VIN3-like protein 2'
2 non-polymer 'PHOSPHATE ION'
3 water water
#
_entity_poly.entity_id   1
_entity_poly.type   'polypeptide(L)'
_entity_poly.pdbx_seq_one_letter_code
;GLEHCVKIIRQLECSGHIDKNFRQKFLTWYSLRATSQEIRVVKDFIDTFIDDPMALAEQLIDTFDDRVS
;
_entity_poly.pdbx_strand_id   A,B
#
# COMPACT_ATOMS: atom_id res chain seq x y z
N GLY A 1 -7.89 10.60 -3.48
CA GLY A 1 -6.76 10.91 -2.55
C GLY A 1 -5.81 9.73 -2.37
N LEU A 2 -6.39 8.58 -2.00
CA LEU A 2 -5.65 7.35 -1.77
C LEU A 2 -5.11 6.78 -3.08
N GLU A 3 -6.00 6.63 -4.06
CA GLU A 3 -5.66 6.11 -5.40
C GLU A 3 -4.46 6.88 -5.93
N HIS A 4 -4.59 8.22 -5.94
CA HIS A 4 -3.58 9.12 -6.49
C HIS A 4 -2.24 9.02 -5.78
N CYS A 5 -2.29 8.99 -4.44
CA CYS A 5 -1.10 8.91 -3.60
C CYS A 5 -0.31 7.63 -3.89
N VAL A 6 -1.02 6.50 -3.90
CA VAL A 6 -0.43 5.19 -4.18
C VAL A 6 0.30 5.16 -5.54
N LYS A 7 -0.37 5.68 -6.58
CA LYS A 7 0.19 5.74 -7.94
C LYS A 7 1.50 6.52 -8.00
N ILE A 8 1.52 7.69 -7.36
CA ILE A 8 2.68 8.56 -7.31
C ILE A 8 3.82 7.89 -6.55
N ILE A 9 3.49 7.30 -5.40
CA ILE A 9 4.48 6.67 -4.53
C ILE A 9 5.16 5.50 -5.21
N ARG A 10 4.39 4.70 -5.97
CA ARG A 10 4.91 3.60 -6.82
C ARG A 10 5.82 4.19 -7.91
N GLN A 11 5.37 5.27 -8.56
CA GLN A 11 6.13 5.94 -9.62
C GLN A 11 7.52 6.37 -9.14
N LEU A 12 7.57 6.91 -7.93
CA LEU A 12 8.82 7.33 -7.29
C LEU A 12 9.75 6.15 -7.03
N GLU A 13 9.17 5.04 -6.56
CA GLU A 13 9.92 3.83 -6.29
C GLU A 13 10.48 3.28 -7.58
N CYS A 14 9.60 3.11 -8.57
CA CYS A 14 9.97 2.59 -9.89
C CYS A 14 11.04 3.46 -10.57
N SER A 15 10.97 4.77 -10.33
CA SER A 15 11.95 5.73 -10.87
C SER A 15 13.22 5.86 -10.01
N GLY A 16 13.23 5.21 -8.85
CA GLY A 16 14.42 5.07 -8.01
C GLY A 16 14.67 6.17 -7.00
N HIS A 17 13.66 7.02 -6.77
CA HIS A 17 13.79 8.17 -5.86
C HIS A 17 13.50 7.78 -4.40
N ILE A 18 12.70 6.72 -4.20
CA ILE A 18 12.52 6.06 -2.91
C ILE A 18 12.81 4.58 -3.05
N ASP A 19 13.31 3.97 -1.97
CA ASP A 19 13.57 2.54 -1.94
C ASP A 19 12.28 1.78 -1.64
N LYS A 20 12.31 0.46 -1.85
CA LYS A 20 11.17 -0.44 -1.67
C LYS A 20 10.68 -0.42 -0.22
N ASN A 21 11.64 -0.37 0.72
CA ASN A 21 11.31 -0.36 2.13
C ASN A 21 10.41 0.82 2.50
N PHE A 22 10.85 2.03 2.14
CA PHE A 22 10.11 3.24 2.48
C PHE A 22 8.71 3.26 1.85
N ARG A 23 8.62 2.84 0.58
CA ARG A 23 7.33 2.74 -0.15
C ARG A 23 6.37 1.86 0.66
N GLN A 24 6.84 0.68 1.06
CA GLN A 24 6.04 -0.29 1.80
C GLN A 24 5.61 0.24 3.16
N LYS A 25 6.56 0.85 3.89
CA LYS A 25 6.30 1.47 5.18
C LYS A 25 5.27 2.60 5.01
N PHE A 26 5.49 3.44 4.00
CA PHE A 26 4.67 4.63 3.77
C PHE A 26 3.23 4.31 3.44
N LEU A 27 3.02 3.37 2.52
CA LEU A 27 1.67 2.97 2.13
C LEU A 27 0.89 2.41 3.30
N THR A 28 1.56 1.64 4.16
CA THR A 28 0.93 1.09 5.36
C THR A 28 0.50 2.23 6.27
N TRP A 29 1.43 3.14 6.56
CA TRP A 29 1.19 4.31 7.42
C TRP A 29 0.06 5.19 6.89
N TYR A 30 0.10 5.51 5.59
CA TYR A 30 -0.90 6.36 4.89
C TYR A 30 -2.28 5.69 4.92
N SER A 31 -2.34 4.38 4.63
CA SER A 31 -3.59 3.61 4.57
C SER A 31 -4.34 3.53 5.89
N LEU A 32 -3.58 3.41 6.99
CA LEU A 32 -4.15 3.07 8.30
C LEU A 32 -3.96 4.14 9.38
N ARG A 33 -2.72 4.55 9.61
CA ARG A 33 -2.31 5.38 10.78
C ARG A 33 -2.55 6.87 10.47
N ALA A 34 -2.02 7.38 9.36
CA ALA A 34 -2.07 8.80 9.02
C ALA A 34 -3.42 9.44 9.35
N THR A 35 -3.39 10.54 10.11
CA THR A 35 -4.58 11.27 10.52
C THR A 35 -5.06 12.20 9.41
N SER A 36 -6.32 12.64 9.49
CA SER A 36 -6.93 13.53 8.50
C SER A 36 -5.98 14.66 8.08
N GLN A 37 -5.37 15.30 9.07
CA GLN A 37 -4.47 16.44 8.87
C GLN A 37 -3.20 16.00 8.15
N GLU A 38 -2.64 14.85 8.55
CA GLU A 38 -1.44 14.31 7.94
C GLU A 38 -1.61 13.95 6.48
N ILE A 39 -2.82 13.54 6.09
CA ILE A 39 -3.16 13.27 4.69
C ILE A 39 -3.17 14.55 3.85
N ARG A 40 -3.63 15.65 4.45
CA ARG A 40 -3.69 17.00 3.82
C ARG A 40 -2.26 17.48 3.54
N VAL A 41 -1.30 17.17 4.42
CA VAL A 41 0.10 17.52 4.23
C VAL A 41 0.65 16.79 3.00
N VAL A 42 0.39 15.49 2.95
CA VAL A 42 0.84 14.63 1.85
C VAL A 42 0.25 15.10 0.51
N LYS A 43 -1.07 15.25 0.47
CA LYS A 43 -1.79 15.79 -0.68
C LYS A 43 -1.13 17.10 -1.17
N ASP A 44 -0.83 17.99 -0.21
CA ASP A 44 -0.25 19.30 -0.50
C ASP A 44 1.16 19.23 -1.07
N PHE A 45 1.99 18.31 -0.54
CA PHE A 45 3.35 18.13 -1.02
C PHE A 45 3.33 17.62 -2.47
N ILE A 46 2.55 16.57 -2.72
CA ILE A 46 2.38 16.00 -4.06
C ILE A 46 2.07 17.07 -5.12
N ASP A 47 1.15 17.98 -4.77
CA ASP A 47 0.72 19.04 -5.67
C ASP A 47 1.78 20.13 -5.90
N THR A 48 2.70 20.28 -4.93
CA THR A 48 3.75 21.28 -4.98
C THR A 48 4.96 20.85 -5.80
N PHE A 49 5.27 19.55 -5.77
CA PHE A 49 6.47 19.02 -6.45
C PHE A 49 6.14 18.20 -7.70
N ILE A 50 5.22 18.72 -8.51
CA ILE A 50 4.69 18.05 -9.69
C ILE A 50 5.81 17.57 -10.61
N ASP A 51 6.51 18.52 -11.22
CA ASP A 51 7.56 18.22 -12.21
C ASP A 51 8.94 17.97 -11.57
N ASP A 52 8.97 17.82 -10.23
CA ASP A 52 10.20 17.66 -9.46
C ASP A 52 10.10 16.45 -8.54
N PRO A 53 10.07 15.22 -9.11
CA PRO A 53 9.82 14.01 -8.31
C PRO A 53 10.93 13.76 -7.29
N MET A 54 12.16 14.20 -7.63
CA MET A 54 13.29 14.08 -6.73
C MET A 54 13.03 14.85 -5.45
N ALA A 55 12.56 16.11 -5.59
CA ALA A 55 12.27 16.98 -4.45
C ALA A 55 11.09 16.49 -3.60
N LEU A 56 10.07 15.94 -4.28
CA LEU A 56 8.93 15.31 -3.62
C LEU A 56 9.35 14.15 -2.73
N ALA A 57 10.14 13.23 -3.29
CA ALA A 57 10.66 12.06 -2.58
C ALA A 57 11.44 12.48 -1.35
N GLU A 58 12.36 13.43 -1.55
CA GLU A 58 13.20 13.94 -0.48
C GLU A 58 12.38 14.61 0.62
N GLN A 59 11.26 15.23 0.25
CA GLN A 59 10.39 15.91 1.20
C GLN A 59 9.58 14.91 2.03
N LEU A 60 9.02 13.90 1.36
CA LEU A 60 8.24 12.86 2.03
C LEU A 60 9.10 12.09 3.03
N ILE A 61 10.33 11.78 2.63
CA ILE A 61 11.30 11.13 3.51
C ILE A 61 11.59 12.02 4.73
N ASP A 62 11.94 13.29 4.49
CA ASP A 62 12.29 14.24 5.56
C ASP A 62 11.16 14.42 6.57
N THR A 63 9.92 14.44 6.07
CA THR A 63 8.75 14.72 6.89
C THR A 63 8.24 13.47 7.61
N PHE A 64 8.20 12.33 6.92
CA PHE A 64 7.44 11.17 7.38
C PHE A 64 8.19 9.87 7.72
N ASP A 65 9.48 9.78 7.41
CA ASP A 65 10.25 8.55 7.65
C ASP A 65 10.25 8.08 9.13
N ASP A 66 10.25 9.04 10.07
CA ASP A 66 10.19 8.74 11.48
C ASP A 66 8.84 8.12 11.86
N ARG A 67 7.75 8.74 11.40
CA ARG A 67 6.35 8.35 11.70
C ARG A 67 6.03 6.98 11.10
N VAL A 68 6.56 6.71 9.90
CA VAL A 68 6.30 5.44 9.22
C VAL A 68 7.23 4.30 9.68
N SER A 69 8.11 4.58 10.65
CA SER A 69 9.04 3.59 11.22
C SER A 69 9.07 3.67 12.74
N GLY B 1 -15.59 -6.95 -6.80
CA GLY B 1 -14.56 -6.60 -5.78
C GLY B 1 -14.08 -7.80 -4.98
N LEU B 2 -15.04 -8.57 -4.46
CA LEU B 2 -14.78 -9.78 -3.69
C LEU B 2 -14.21 -10.88 -4.59
N GLU B 3 -14.92 -11.16 -5.69
CA GLU B 3 -14.51 -12.16 -6.66
C GLU B 3 -13.05 -11.95 -7.05
N HIS B 4 -12.74 -10.73 -7.48
CA HIS B 4 -11.41 -10.37 -7.98
C HIS B 4 -10.33 -10.52 -6.91
N CYS B 5 -10.64 -10.05 -5.69
CA CYS B 5 -9.69 -10.12 -4.58
C CYS B 5 -9.33 -11.58 -4.24
N VAL B 6 -10.35 -12.42 -4.12
CA VAL B 6 -10.18 -13.84 -3.84
C VAL B 6 -9.28 -14.54 -4.88
N LYS B 7 -9.55 -14.29 -6.16
CA LYS B 7 -8.77 -14.84 -7.28
C LYS B 7 -7.29 -14.49 -7.18
N ILE B 8 -7.00 -13.21 -6.92
CA ILE B 8 -5.64 -12.70 -6.82
C ILE B 8 -4.93 -13.33 -5.63
N ILE B 9 -5.63 -13.37 -4.48
CA ILE B 9 -5.06 -13.88 -3.25
C ILE B 9 -4.70 -15.36 -3.38
N ARG B 10 -5.55 -16.15 -4.04
CA ARG B 10 -5.29 -17.57 -4.35
C ARG B 10 -4.08 -17.67 -5.30
N GLN B 11 -4.04 -16.81 -6.33
CA GLN B 11 -2.96 -16.77 -7.32
C GLN B 11 -1.59 -16.57 -6.65
N LEU B 12 -1.54 -15.66 -5.67
CA LEU B 12 -0.33 -15.39 -4.90
C LEU B 12 0.10 -16.60 -4.09
N GLU B 13 -0.88 -17.29 -3.47
CA GLU B 13 -0.61 -18.48 -2.67
C GLU B 13 -0.06 -19.57 -3.58
N CYS B 14 -0.79 -19.84 -4.67
CA CYS B 14 -0.42 -20.88 -5.63
C CYS B 14 0.95 -20.60 -6.26
N SER B 15 1.28 -19.32 -6.45
CA SER B 15 2.59 -18.88 -6.96
C SER B 15 3.71 -18.83 -5.89
N GLY B 16 3.33 -19.00 -4.62
CA GLY B 16 4.26 -19.14 -3.52
C GLY B 16 4.71 -17.86 -2.83
N HIS B 17 4.00 -16.75 -3.10
CA HIS B 17 4.35 -15.43 -2.54
C HIS B 17 3.73 -15.21 -1.16
N ILE B 18 2.60 -15.87 -0.89
CA ILE B 18 2.01 -15.96 0.44
C ILE B 18 1.81 -17.42 0.82
N ASP B 19 1.91 -17.70 2.12
CA ASP B 19 1.67 -19.03 2.64
C ASP B 19 0.17 -19.27 2.78
N LYS B 20 -0.20 -20.55 2.98
CA LYS B 20 -1.58 -21.02 3.10
C LYS B 20 -2.29 -20.34 4.28
N ASN B 21 -1.56 -20.19 5.39
CA ASN B 21 -2.10 -19.60 6.59
C ASN B 21 -2.61 -18.18 6.33
N PHE B 22 -1.75 -17.34 5.75
CA PHE B 22 -2.10 -15.93 5.51
C PHE B 22 -3.28 -15.80 4.55
N ARG B 23 -3.30 -16.61 3.49
CA ARG B 23 -4.42 -16.64 2.51
C ARG B 23 -5.74 -16.89 3.26
N GLN B 24 -5.75 -17.93 4.10
CA GLN B 24 -6.92 -18.33 4.85
C GLN B 24 -7.37 -17.25 5.84
N LYS B 25 -6.41 -16.69 6.57
CA LYS B 25 -6.66 -15.60 7.51
C LYS B 25 -7.21 -14.39 6.75
N PHE B 26 -6.57 -14.06 5.63
CA PHE B 26 -6.90 -12.86 4.88
C PHE B 26 -8.32 -12.90 4.28
N LEU B 27 -8.66 -14.02 3.66
CA LEU B 27 -9.99 -14.20 3.07
C LEU B 27 -11.09 -14.07 4.11
N THR B 28 -10.85 -14.63 5.30
CA THR B 28 -11.79 -14.53 6.42
C THR B 28 -11.98 -13.07 6.80
N TRP B 29 -10.86 -12.37 7.03
CA TRP B 29 -10.85 -10.97 7.42
C TRP B 29 -11.54 -10.07 6.38
N TYR B 30 -11.19 -10.26 5.11
CA TYR B 30 -11.74 -9.50 3.96
C TYR B 30 -13.26 -9.76 3.82
N SER B 31 -13.67 -11.03 3.92
CA SER B 31 -15.08 -11.43 3.78
C SER B 31 -16.02 -10.85 4.83
N LEU B 32 -15.52 -10.73 6.07
CA LEU B 32 -16.37 -10.41 7.22
C LEU B 32 -16.02 -9.08 7.93
N ARG B 33 -14.76 -8.93 8.35
CA ARG B 33 -14.31 -7.85 9.26
C ARG B 33 -14.00 -6.57 8.46
N ALA B 34 -13.15 -6.68 7.44
CA ALA B 34 -12.67 -5.50 6.68
C ALA B 34 -13.76 -4.46 6.42
N THR B 35 -13.50 -3.20 6.81
CA THR B 35 -14.43 -2.10 6.65
C THR B 35 -14.39 -1.53 5.23
N SER B 36 -15.43 -0.77 4.86
CA SER B 36 -15.53 -0.15 3.54
C SER B 36 -14.21 0.45 3.07
N GLN B 37 -13.57 1.21 3.96
CA GLN B 37 -12.32 1.92 3.67
C GLN B 37 -11.17 0.93 3.47
N GLU B 38 -11.12 -0.10 4.32
CA GLU B 38 -10.08 -1.12 4.25
C GLU B 38 -10.12 -1.92 2.94
N ILE B 39 -11.34 -2.10 2.39
CA ILE B 39 -11.52 -2.77 1.10
C ILE B 39 -10.96 -1.92 -0.05
N ARG B 40 -11.11 -0.60 0.05
CA ARG B 40 -10.61 0.39 -0.94
C ARG B 40 -9.08 0.34 -0.99
N VAL B 41 -8.43 0.13 0.17
CA VAL B 41 -6.98 0.03 0.25
C VAL B 41 -6.51 -1.22 -0.49
N VAL B 42 -7.19 -2.34 -0.21
CA VAL B 42 -6.88 -3.63 -0.81
C VAL B 42 -7.02 -3.56 -2.34
N LYS B 43 -8.21 -3.11 -2.79
CA LYS B 43 -8.50 -2.91 -4.20
C LYS B 43 -7.37 -2.12 -4.87
N ASP B 44 -6.96 -1.03 -4.21
CA ASP B 44 -5.96 -0.11 -4.74
C ASP B 44 -4.57 -0.72 -4.83
N PHE B 45 -4.19 -1.52 -3.82
CA PHE B 45 -2.89 -2.20 -3.82
C PHE B 45 -2.80 -3.20 -4.97
N ILE B 46 -3.83 -4.06 -5.08
CA ILE B 46 -3.95 -5.06 -6.14
C ILE B 46 -3.73 -4.45 -7.52
N ASP B 47 -4.36 -3.29 -7.76
CA ASP B 47 -4.27 -2.60 -9.05
C ASP B 47 -2.90 -1.99 -9.33
N THR B 48 -2.16 -1.68 -8.27
CA THR B 48 -0.84 -1.07 -8.37
C THR B 48 0.28 -2.08 -8.63
N PHE B 49 0.15 -3.28 -8.04
CA PHE B 49 1.17 -4.32 -8.13
C PHE B 49 0.71 -5.53 -8.95
N ILE B 50 -0.05 -5.29 -10.03
CA ILE B 50 -0.46 -6.36 -10.95
C ILE B 50 0.77 -7.16 -11.43
N ASP B 51 1.69 -6.49 -12.11
CA ASP B 51 2.87 -7.12 -12.71
C ASP B 51 4.02 -7.38 -11.74
N ASP B 52 3.82 -7.07 -10.44
CA ASP B 52 4.83 -7.26 -9.40
C ASP B 52 4.23 -8.02 -8.23
N PRO B 53 3.91 -9.33 -8.41
CA PRO B 53 3.15 -10.07 -7.41
C PRO B 53 3.93 -10.23 -6.09
N MET B 54 5.26 -10.26 -6.18
CA MET B 54 6.11 -10.33 -5.00
C MET B 54 5.90 -9.09 -4.13
N ALA B 55 5.89 -7.91 -4.75
CA ALA B 55 5.71 -6.63 -4.05
C ALA B 55 4.31 -6.48 -3.47
N LEU B 56 3.30 -6.98 -4.21
CA LEU B 56 1.91 -7.02 -3.75
C LEU B 56 1.76 -7.83 -2.47
N ALA B 57 2.30 -9.06 -2.49
CA ALA B 57 2.26 -9.98 -1.36
C ALA B 57 2.92 -9.34 -0.13
N GLU B 58 4.11 -8.78 -0.33
CA GLU B 58 4.86 -8.12 0.74
C GLU B 58 4.12 -6.92 1.30
N GLN B 59 3.36 -6.23 0.44
CA GLN B 59 2.60 -5.05 0.86
C GLN B 59 1.38 -5.44 1.68
N LEU B 60 0.65 -6.47 1.22
CA LEU B 60 -0.53 -6.95 1.93
C LEU B 60 -0.16 -7.47 3.31
N ILE B 61 0.96 -8.21 3.39
CA ILE B 61 1.49 -8.67 4.67
C ILE B 61 1.82 -7.49 5.58
N ASP B 62 2.61 -6.52 5.08
CA ASP B 62 3.03 -5.37 5.88
C ASP B 62 1.85 -4.54 6.42
N THR B 63 0.79 -4.41 5.60
CA THR B 63 -0.36 -3.60 5.92
C THR B 63 -1.37 -4.32 6.81
N PHE B 64 -1.64 -5.60 6.52
CA PHE B 64 -2.80 -6.30 7.08
C PHE B 64 -2.57 -7.53 7.99
N ASP B 65 -1.34 -8.02 8.09
CA ASP B 65 -1.05 -9.24 8.87
C ASP B 65 -1.48 -9.14 10.36
N ASP B 66 -1.34 -7.95 10.94
CA ASP B 66 -1.75 -7.73 12.32
C ASP B 66 -3.27 -7.83 12.48
N ARG B 67 -4.00 -7.16 11.58
CA ARG B 67 -5.48 -7.09 11.60
C ARG B 67 -6.09 -8.47 11.34
N VAL B 68 -5.47 -9.25 10.44
CA VAL B 68 -5.98 -10.58 10.10
C VAL B 68 -5.56 -11.67 11.11
N SER B 69 -4.83 -11.30 12.17
CA SER B 69 -4.35 -12.22 13.20
C SER B 69 -4.55 -11.64 14.60
#